data_3G9J
#
_entry.id   3G9J
#
_cell.length_a   39.069
_cell.length_b   102.096
_cell.length_c   112.076
_cell.angle_alpha   90.00
_cell.angle_beta   90.00
_cell.angle_gamma   90.00
#
_symmetry.space_group_name_H-M   'P 21 21 21'
#
loop_
_entity.id
_entity.type
_entity.pdbx_description
1 polymer "DNA (5'-D(*CP*CP*AP*GP*AP*AP*CP*AP*AP*AP*AP*TP*GP*TP*TP*CP*TP*G)-3')"
2 polymer "DNA (5'-D(*CP*CP*AP*GP*AP*AP*CP*AP*TP*TP*TP*TP*GP*TP*TP*CP*TP*G)-3')"
3 polymer 'Glucocorticoid receptor'
4 non-polymer 1,2-ETHANEDIOL
5 non-polymer 'ZINC ION'
6 water water
#
loop_
_entity_poly.entity_id
_entity_poly.type
_entity_poly.pdbx_seq_one_letter_code
_entity_poly.pdbx_strand_id
1 'polydeoxyribonucleotide' (DC)(DC)(DA)(DG)(DA)(DA)(DC)(DA)(DA)(DA)(DA)(DT)(DG)(DT)(DT)(DC)(DT)(DG) C
2 'polydeoxyribonucleotide' (DC)(DC)(DA)(DG)(DA)(DA)(DC)(DA)(DT)(DT)(DT)(DT)(DG)(DT)(DT)(DC)(DT)(DG) D
3 'polypeptide(L)'
;GSHMCLVCSDEASGCHYGVLTCGSCKVFFKRAVEGQHNYLCAGRNDCIIDKIRRKNCPACRYRKCLQAGMNLEARKTKKK
IKGIQQATAG
;
A,B
#
# COMPACT_ATOMS: atom_id res chain seq x y z
N SER C 2 1.00 -11.69 26.85
CA SER C 2 1.91 -12.37 25.94
C SER C 2 3.08 -11.46 25.56
N HIS C 3 3.52 -11.52 24.30
CA HIS C 3 4.72 -10.80 23.91
C HIS C 3 4.52 -9.89 22.70
N MET C 4 3.86 -10.42 21.68
CA MET C 4 3.80 -9.75 20.39
C MET C 4 2.39 -9.19 20.09
N CYS C 5 2.35 -8.13 19.28
CA CYS C 5 1.11 -7.48 18.84
C CYS C 5 0.15 -8.43 18.16
N LEU C 6 -1.13 -8.36 18.52
CA LEU C 6 -2.13 -9.28 17.97
C LEU C 6 -2.63 -8.89 16.57
N VAL C 7 -2.28 -7.69 16.13
CA VAL C 7 -2.69 -7.21 14.82
C VAL C 7 -1.57 -7.47 13.83
N CYS C 8 -0.34 -7.11 14.17
CA CYS C 8 0.74 -7.19 13.22
C CYS C 8 1.93 -8.04 13.66
N SER C 9 1.86 -8.65 14.84
CA SER C 9 2.94 -9.52 15.33
C SER C 9 4.31 -8.83 15.53
N ASP C 10 4.37 -7.49 15.43
CA ASP C 10 5.53 -6.76 15.94
C ASP C 10 5.48 -6.95 17.48
N GLU C 11 6.50 -6.53 18.22
CA GLU C 11 6.40 -6.63 19.68
C GLU C 11 5.42 -5.59 20.22
N ALA C 12 4.50 -6.03 21.06
CA ALA C 12 3.45 -5.17 21.59
C ALA C 12 3.97 -4.24 22.69
N SER C 13 3.32 -3.10 22.89
CA SER C 13 3.80 -2.14 23.87
C SER C 13 2.85 -2.03 25.05
N GLY C 14 1.85 -2.90 25.11
CA GLY C 14 0.90 -2.87 26.21
C GLY C 14 -0.51 -3.14 25.73
N CYS C 15 -1.46 -3.13 26.64
CA CYS C 15 -2.84 -3.43 26.29
C CYS C 15 -3.54 -2.14 25.88
N HIS C 16 -3.84 -2.03 24.60
CA HIS C 16 -4.36 -0.79 24.02
C HIS C 16 -5.75 -1.01 23.44
N TYR C 17 -6.66 -0.10 23.72
CA TYR C 17 -8.05 -0.26 23.32
C TYR C 17 -8.53 -1.70 23.53
N GLY C 18 -8.16 -2.28 24.67
CA GLY C 18 -8.66 -3.57 25.09
C GLY C 18 -7.87 -4.79 24.62
N VAL C 19 -6.83 -4.58 23.81
CA VAL C 19 -6.14 -5.69 23.17
C VAL C 19 -4.62 -5.51 23.26
N LEU C 20 -3.88 -6.60 23.43
CA LEU C 20 -2.42 -6.50 23.35
C LEU C 20 -1.97 -6.06 21.92
N THR C 21 -1.34 -4.89 21.81
CA THR C 21 -0.87 -4.38 20.52
C THR C 21 0.37 -3.50 20.62
N CYS C 22 1.00 -3.23 19.48
CA CYS C 22 2.12 -2.31 19.39
C CYS C 22 1.59 -0.87 19.31
N GLY C 23 2.48 0.11 19.36
CA GLY C 23 2.12 1.51 19.29
C GLY C 23 1.55 1.95 17.93
N SER C 24 2.12 1.46 16.83
CA SER C 24 1.65 1.90 15.52
C SER C 24 0.23 1.41 15.29
N CYS C 25 -0.06 0.16 15.65
CA CYS C 25 -1.40 -0.36 15.51
C CYS C 25 -2.41 0.38 16.39
N LYS C 26 -2.04 0.67 17.64
CA LYS C 26 -2.88 1.50 18.51
C LYS C 26 -3.34 2.77 17.78
N VAL C 27 -2.40 3.58 17.30
CA VAL C 27 -2.79 4.86 16.73
C VAL C 27 -3.43 4.68 15.35
N PHE C 28 -2.98 3.70 14.59
CA PHE C 28 -3.66 3.38 13.34
C PHE C 28 -5.13 3.11 13.61
N PHE C 29 -5.42 2.37 14.67
CA PHE C 29 -6.79 1.98 14.92
C PHE C 29 -7.63 3.19 15.31
N LYS C 30 -7.07 4.06 16.14
CA LYS C 30 -7.78 5.27 16.56
C LYS C 30 -8.02 6.19 15.38
N ARG C 31 -6.98 6.38 14.56
CA ARG C 31 -7.10 7.16 13.33
C ARG C 31 -8.13 6.56 12.39
N ALA C 32 -8.16 5.23 12.29
CA ALA C 32 -9.08 4.61 11.38
C ALA C 32 -10.51 4.94 11.81
N VAL C 33 -10.82 4.68 13.07
CA VAL C 33 -12.20 4.84 13.54
C VAL C 33 -12.64 6.29 13.49
N GLU C 34 -11.76 7.19 13.93
CA GLU C 34 -12.09 8.62 14.01
C GLU C 34 -12.16 9.27 12.62
N GLY C 35 -11.45 8.72 11.66
CA GLY C 35 -11.42 9.31 10.33
C GLY C 35 -12.50 8.78 9.39
N GLN C 36 -13.10 7.65 9.73
CA GLN C 36 -14.10 7.01 8.87
C GLN C 36 -13.61 6.99 7.42
N HIS C 37 -12.49 6.31 7.18
CA HIS C 37 -11.82 6.39 5.88
C HIS C 37 -12.48 5.54 4.80
N ASN C 38 -13.28 4.54 5.21
CA ASN C 38 -13.80 3.56 4.27
C ASN C 38 -12.68 3.03 3.41
N TYR C 39 -11.81 2.26 4.03
CA TYR C 39 -10.65 1.68 3.38
C TYR C 39 -11.13 0.58 2.46
N LEU C 40 -10.43 0.39 1.34
CA LEU C 40 -10.74 -0.70 0.42
C LEU C 40 -9.50 -1.52 0.14
N CYS C 41 -9.61 -2.83 0.39
CA CYS C 41 -8.56 -3.80 0.08
C CYS C 41 -8.31 -3.85 -1.44
N ALA C 42 -7.07 -4.07 -1.84
CA ALA C 42 -6.74 -4.16 -3.24
C ALA C 42 -6.56 -5.61 -3.63
N GLY C 43 -6.69 -6.55 -2.70
CA GLY C 43 -6.53 -7.96 -3.02
C GLY C 43 -7.85 -8.67 -2.88
N ARG C 44 -7.97 -9.47 -1.80
CA ARG C 44 -9.08 -10.39 -1.61
C ARG C 44 -9.61 -10.30 -0.18
N ASN C 45 -9.47 -9.15 0.45
CA ASN C 45 -9.81 -9.03 1.86
C ASN C 45 -9.14 -10.12 2.72
N ASP C 46 -7.91 -10.51 2.41
CA ASP C 46 -7.18 -11.47 3.27
C ASP C 46 -5.67 -11.20 3.24
N CYS C 47 -5.30 -9.93 3.20
CA CYS C 47 -3.90 -9.56 3.10
C CYS C 47 -3.16 -10.04 4.35
N ILE C 48 -1.92 -10.46 4.16
CA ILE C 48 -1.07 -10.76 5.30
C ILE C 48 -0.63 -9.46 5.96
N ILE C 49 -0.99 -9.29 7.23
CA ILE C 49 -0.61 -8.11 7.99
C ILE C 49 0.43 -8.46 9.05
N ASP C 50 1.69 -8.19 8.73
CA ASP C 50 2.79 -8.46 9.64
C ASP C 50 3.67 -7.23 9.72
N LYS C 51 4.87 -7.39 10.26
CA LYS C 51 5.67 -6.24 10.64
C LYS C 51 6.00 -5.38 9.43
N ILE C 52 6.49 -5.99 8.35
CA ILE C 52 6.87 -5.22 7.17
C ILE C 52 5.64 -4.75 6.38
N ARG C 53 4.63 -5.61 6.32
CA ARG C 53 3.51 -5.37 5.43
C ARG C 53 2.32 -4.74 6.10
N ARG C 54 2.46 -4.24 7.32
CA ARG C 54 1.28 -3.67 7.96
C ARG C 54 0.86 -2.40 7.25
N LYS C 55 1.80 -1.71 6.60
CA LYS C 55 1.40 -0.52 5.82
C LYS C 55 0.62 -0.89 4.56
N ASN C 56 0.75 -2.13 4.09
CA ASN C 56 0.23 -2.50 2.77
C ASN C 56 -1.27 -2.44 2.62
N CYS C 57 -2.05 -2.68 3.67
CA CYS C 57 -3.49 -2.64 3.44
C CYS C 57 -4.23 -2.11 4.64
N PRO C 58 -4.56 -0.82 4.66
CA PRO C 58 -5.31 -0.32 5.80
C PRO C 58 -6.63 -1.07 5.98
N ALA C 59 -7.26 -1.52 4.91
CA ALA C 59 -8.55 -2.19 5.03
C ALA C 59 -8.38 -3.46 5.85
N CYS C 60 -7.40 -4.28 5.48
CA CYS C 60 -7.19 -5.53 6.20
C CYS C 60 -6.62 -5.32 7.60
N ARG C 61 -5.75 -4.34 7.76
CA ARG C 61 -5.19 -4.03 9.07
C ARG C 61 -6.31 -3.66 10.05
N TYR C 62 -7.16 -2.74 9.64
CA TYR C 62 -8.29 -2.31 10.42
C TYR C 62 -9.21 -3.49 10.69
N ARG C 63 -9.50 -4.29 9.67
CA ARG C 63 -10.33 -5.48 9.86
C ARG C 63 -9.71 -6.39 10.92
N LYS C 64 -8.39 -6.59 10.85
CA LYS C 64 -7.71 -7.46 11.78
C LYS C 64 -7.77 -6.88 13.19
N CYS C 65 -7.78 -5.54 13.29
CA CYS C 65 -7.88 -4.86 14.58
C CYS C 65 -9.20 -5.21 15.21
N LEU C 66 -10.27 -5.01 14.45
CA LEU C 66 -11.62 -5.18 14.96
C LEU C 66 -11.85 -6.63 15.37
N GLN C 67 -11.33 -7.54 14.57
CA GLN C 67 -11.47 -8.95 14.85
C GLN C 67 -10.72 -9.35 16.12
N ALA C 68 -9.66 -8.63 16.43
CA ALA C 68 -8.91 -8.91 17.65
C ALA C 68 -9.68 -8.35 18.85
N GLY C 69 -10.71 -7.57 18.57
CA GLY C 69 -11.56 -7.01 19.61
C GLY C 69 -11.23 -5.59 20.03
N MET C 70 -10.43 -4.86 19.25
CA MET C 70 -10.13 -3.49 19.63
C MET C 70 -11.41 -2.68 19.67
N ASN C 71 -11.47 -1.79 20.63
CA ASN C 71 -12.62 -0.94 20.80
C ASN C 71 -12.19 0.29 21.57
N LEU C 72 -12.74 1.44 21.23
CA LEU C 72 -12.26 2.70 21.81
C LEU C 72 -12.69 2.91 23.28
N GLU C 73 -13.95 2.63 23.60
CA GLU C 73 -14.41 2.76 24.99
C GLU C 73 -14.12 1.45 25.72
N ALA C 74 -12.85 1.08 25.75
CA ALA C 74 -12.46 -0.20 26.33
C ALA C 74 -12.94 -0.33 27.77
N ARG C 75 -12.50 0.57 28.62
CA ARG C 75 -12.69 0.44 30.07
C ARG C 75 -13.86 1.29 30.56
N SER D 2 -5.96 7.84 -25.87
CA SER D 2 -6.39 7.77 -24.48
C SER D 2 -5.74 8.92 -23.73
N HIS D 3 -6.24 9.22 -22.53
CA HIS D 3 -5.41 9.98 -21.60
C HIS D 3 -5.57 9.56 -20.15
N MET D 4 -5.56 8.26 -19.89
CA MET D 4 -5.50 7.80 -18.52
C MET D 4 -4.21 7.00 -18.28
N CYS D 5 -3.64 7.19 -17.10
CA CYS D 5 -2.44 6.46 -16.69
C CYS D 5 -2.58 4.97 -16.95
N LEU D 6 -1.56 4.35 -17.52
CA LEU D 6 -1.59 2.91 -17.76
C LEU D 6 -1.22 2.07 -16.54
N VAL D 7 -0.55 2.69 -15.57
CA VAL D 7 -0.23 2.03 -14.33
C VAL D 7 -1.45 2.08 -13.40
N CYS D 8 -2.01 3.26 -13.14
CA CYS D 8 -3.10 3.35 -12.14
C CYS D 8 -4.46 3.82 -12.65
N SER D 9 -4.56 4.18 -13.93
CA SER D 9 -5.80 4.70 -14.50
C SER D 9 -6.25 6.07 -13.97
N ASP D 10 -5.34 6.82 -13.36
CA ASP D 10 -5.61 8.22 -13.02
C ASP D 10 -5.49 9.00 -14.33
N GLU D 11 -5.74 10.31 -14.32
CA GLU D 11 -5.46 11.11 -15.51
C GLU D 11 -3.98 11.10 -15.81
N ALA D 12 -3.61 10.62 -16.99
CA ALA D 12 -2.22 10.71 -17.42
C ALA D 12 -1.86 12.19 -17.60
N SER D 13 -0.60 12.55 -17.43
CA SER D 13 -0.15 13.91 -17.64
C SER D 13 0.85 13.98 -18.81
N GLY D 14 1.26 12.82 -19.30
CA GLY D 14 2.12 12.77 -20.49
C GLY D 14 2.66 11.38 -20.72
N CYS D 15 3.61 11.26 -21.64
CA CYS D 15 4.28 9.99 -21.88
C CYS D 15 5.61 10.01 -21.15
N HIS D 16 5.68 9.30 -20.03
CA HIS D 16 6.81 9.36 -19.09
C HIS D 16 7.52 8.03 -18.98
N TYR D 17 8.82 8.00 -19.25
CA TYR D 17 9.54 6.75 -19.28
C TYR D 17 8.85 5.78 -20.21
N GLY D 18 8.16 6.31 -21.21
CA GLY D 18 7.75 5.55 -22.38
C GLY D 18 6.30 5.13 -22.39
N VAL D 19 5.53 5.56 -21.39
CA VAL D 19 4.16 5.12 -21.19
C VAL D 19 3.28 6.27 -20.74
N LEU D 20 2.03 6.31 -21.18
CA LEU D 20 1.06 7.21 -20.56
C LEU D 20 1.02 6.95 -19.06
N THR D 21 1.41 7.92 -18.23
CA THR D 21 1.23 7.77 -16.78
C THR D 21 0.90 9.11 -16.14
N CYS D 22 0.37 9.09 -14.93
CA CYS D 22 0.15 10.34 -14.21
C CYS D 22 1.50 10.74 -13.63
N GLY D 23 1.57 11.95 -13.10
CA GLY D 23 2.78 12.40 -12.45
C GLY D 23 3.14 11.56 -11.23
N SER D 24 2.15 11.03 -10.50
CA SER D 24 2.50 10.26 -9.30
C SER D 24 3.19 8.96 -9.68
N CYS D 25 2.68 8.28 -10.69
CA CYS D 25 3.31 7.04 -11.12
C CYS D 25 4.70 7.31 -11.70
N LYS D 26 4.83 8.41 -12.43
CA LYS D 26 6.14 8.78 -12.97
C LYS D 26 7.21 8.83 -11.90
N VAL D 27 6.96 9.59 -10.84
CA VAL D 27 7.98 9.78 -9.84
C VAL D 27 8.10 8.52 -8.96
N PHE D 28 7.00 7.80 -8.77
CA PHE D 28 7.07 6.52 -8.04
C PHE D 28 8.10 5.61 -8.73
N PHE D 29 8.03 5.56 -10.06
CA PHE D 29 8.89 4.66 -10.82
C PHE D 29 10.33 5.13 -10.77
N LYS D 30 10.54 6.42 -11.02
CA LYS D 30 11.88 6.97 -10.94
C LYS D 30 12.51 6.65 -9.60
N ARG D 31 11.74 6.84 -8.53
CA ARG D 31 12.24 6.55 -7.19
C ARG D 31 12.52 5.07 -7.00
N ALA D 32 11.63 4.21 -7.50
CA ALA D 32 11.82 2.76 -7.34
C ALA D 32 13.10 2.35 -8.05
N VAL D 33 13.35 2.97 -9.20
CA VAL D 33 14.47 2.58 -10.06
C VAL D 33 15.79 3.16 -9.58
N GLU D 34 15.74 4.33 -8.95
CA GLU D 34 16.97 5.01 -8.55
C GLU D 34 17.50 4.42 -7.29
N GLY D 35 16.62 3.93 -6.45
CA GLY D 35 17.03 3.35 -5.20
C GLY D 35 16.75 1.86 -5.15
N GLN D 36 16.13 1.46 -4.06
CA GLN D 36 15.81 0.06 -3.78
C GLN D 36 14.33 -0.12 -3.96
N HIS D 37 13.94 -1.29 -4.41
CA HIS D 37 12.55 -1.61 -4.53
C HIS D 37 12.35 -3.03 -3.97
N ASN D 38 12.97 -3.28 -2.83
CA ASN D 38 12.80 -4.56 -2.19
C ASN D 38 11.46 -4.59 -1.44
N TYR D 39 10.36 -4.49 -2.18
CA TYR D 39 9.03 -4.45 -1.60
C TYR D 39 8.49 -5.87 -1.38
N LEU D 40 7.43 -5.99 -0.60
CA LEU D 40 6.80 -7.27 -0.44
C LEU D 40 5.30 -7.11 -0.50
N CYS D 41 4.65 -7.97 -1.28
CA CYS D 41 3.21 -7.97 -1.46
C CYS D 41 2.56 -8.70 -0.28
N ALA D 42 1.47 -8.17 0.22
CA ALA D 42 0.72 -8.84 1.28
C ALA D 42 -0.40 -9.70 0.74
N GLY D 43 -0.70 -9.57 -0.56
CA GLY D 43 -1.69 -10.44 -1.19
C GLY D 43 -1.05 -11.48 -2.10
N ARG D 44 -1.37 -11.44 -3.40
CA ARG D 44 -0.91 -12.49 -4.34
C ARG D 44 -0.28 -11.90 -5.60
N ASN D 45 0.58 -10.91 -5.39
CA ASN D 45 1.22 -10.21 -6.49
C ASN D 45 0.31 -9.88 -7.66
N ASP D 46 -0.95 -9.61 -7.40
CA ASP D 46 -1.80 -9.02 -8.43
C ASP D 46 -2.74 -7.98 -7.84
N CYS D 47 -2.24 -7.16 -6.91
CA CYS D 47 -3.11 -6.18 -6.26
C CYS D 47 -3.62 -5.22 -7.30
N ILE D 48 -4.87 -4.80 -7.15
CA ILE D 48 -5.48 -3.83 -8.03
C ILE D 48 -4.90 -2.42 -7.81
N ILE D 49 -4.32 -1.82 -8.85
CA ILE D 49 -3.67 -0.51 -8.74
C ILE D 49 -4.50 0.59 -9.39
N ASP D 50 -5.34 1.27 -8.61
CA ASP D 50 -6.10 2.39 -9.14
C ASP D 50 -5.72 3.63 -8.35
N LYS D 51 -6.43 4.73 -8.58
CA LYS D 51 -5.99 6.01 -8.01
C LYS D 51 -5.82 5.95 -6.48
N ILE D 52 -6.78 5.36 -5.79
CA ILE D 52 -6.69 5.29 -4.33
C ILE D 52 -5.77 4.17 -3.79
N ARG D 53 -5.86 2.99 -4.39
CA ARG D 53 -5.13 1.84 -3.88
C ARG D 53 -3.69 1.75 -4.36
N ARG D 54 -3.27 2.62 -5.26
CA ARG D 54 -1.89 2.57 -5.74
C ARG D 54 -0.92 2.73 -4.59
N LYS D 55 -1.40 3.30 -3.49
CA LYS D 55 -0.61 3.47 -2.27
C LYS D 55 -0.41 2.15 -1.51
N ASN D 56 -1.38 1.23 -1.62
CA ASN D 56 -1.35 0.00 -0.81
C ASN D 56 -0.14 -0.86 -1.09
N CYS D 57 0.16 -1.13 -2.36
CA CYS D 57 1.20 -2.11 -2.67
C CYS D 57 2.28 -1.63 -3.62
N PRO D 58 3.35 -1.04 -3.10
CA PRO D 58 4.41 -0.61 -4.03
C PRO D 58 5.03 -1.78 -4.80
N ALA D 59 4.95 -3.00 -4.26
CA ALA D 59 5.48 -4.17 -4.96
C ALA D 59 4.74 -4.36 -6.28
N CYS D 60 3.42 -4.34 -6.22
CA CYS D 60 2.62 -4.59 -7.42
C CYS D 60 2.58 -3.34 -8.31
N ARG D 61 2.75 -2.17 -7.71
CA ARG D 61 2.70 -0.93 -8.45
C ARG D 61 3.94 -0.92 -9.32
N TYR D 62 5.07 -1.39 -8.78
CA TYR D 62 6.32 -1.38 -9.51
C TYR D 62 6.28 -2.44 -10.61
N ARG D 63 5.66 -3.57 -10.30
CA ARG D 63 5.54 -4.66 -11.24
C ARG D 63 4.71 -4.17 -12.44
N LYS D 64 3.59 -3.51 -12.18
CA LYS D 64 2.73 -3.04 -13.26
C LYS D 64 3.46 -1.94 -14.06
N CYS D 65 4.39 -1.18 -13.45
CA CYS D 65 5.22 -0.21 -14.23
C CYS D 65 6.18 -0.96 -15.12
N LEU D 66 6.80 -2.00 -14.61
CA LEU D 66 7.75 -2.76 -15.40
C LEU D 66 7.01 -3.42 -16.56
N GLN D 67 5.84 -3.94 -16.24
CA GLN D 67 5.07 -4.74 -17.17
C GLN D 67 4.53 -3.83 -18.28
N ALA D 68 4.35 -2.54 -17.99
CA ALA D 68 3.85 -1.62 -19.00
C ALA D 68 4.99 -1.13 -19.92
N GLY D 69 6.23 -1.43 -19.57
CA GLY D 69 7.35 -1.12 -20.43
C GLY D 69 8.14 0.10 -19.99
N MET D 70 7.79 0.68 -18.84
CA MET D 70 8.50 1.86 -18.38
C MET D 70 10.00 1.61 -18.23
N ASN D 71 10.77 2.60 -18.63
CA ASN D 71 12.21 2.55 -18.51
C ASN D 71 12.72 3.97 -18.66
N LEU D 72 13.83 4.25 -17.97
CA LEU D 72 14.33 5.60 -17.84
C LEU D 72 14.79 6.17 -19.18
N GLU D 73 15.55 5.37 -19.93
CA GLU D 73 16.11 5.83 -21.20
C GLU D 73 15.08 5.88 -22.30
N ALA D 74 13.78 5.85 -21.95
CA ALA D 74 12.74 5.79 -22.98
C ALA D 74 12.86 6.94 -23.96
N ARG D 75 12.95 8.16 -23.43
CA ARG D 75 12.92 9.34 -24.28
C ARG D 75 14.16 9.41 -25.19
N LYS D 76 15.30 8.94 -24.69
CA LYS D 76 16.55 8.95 -25.45
C LYS D 76 16.55 7.88 -26.54
N THR D 77 15.94 6.74 -26.23
CA THR D 77 15.84 5.64 -27.18
C THR D 77 14.90 6.03 -28.33
N LYS D 78 13.87 6.80 -28.01
CA LYS D 78 12.92 7.30 -28.99
C LYS D 78 13.63 8.23 -29.98
N LYS D 79 14.62 8.97 -29.51
CA LYS D 79 15.47 9.81 -30.35
C LYS D 79 16.64 9.00 -30.90
N LYS D 80 16.33 7.82 -31.44
CA LYS D 80 17.31 6.92 -32.04
C LYS D 80 16.57 5.83 -32.82
#